data_5YCD
#
_entry.id   5YCD
#
_cell.length_a   40.790
_cell.length_b   81.505
_cell.length_c   120.123
_cell.angle_alpha   90.00
_cell.angle_beta   90.00
_cell.angle_gamma   90.00
#
_symmetry.space_group_name_H-M   'P 21 21 21'
#
loop_
_entity.id
_entity.type
_entity.pdbx_description
1 polymer 'Adenylayte kinase'
2 non-polymer "BIS(ADENOSINE)-5'-PENTAPHOSPHATE"
3 non-polymer 'MAGNESIUM ION'
4 water water
#
_entity_poly.entity_id   1
_entity_poly.type   'polypeptide(L)'
_entity_poly.pdbx_seq_one_letter_code
;MADKIKDAKIIFVVGGPGSGKGTQCEKIVAKYGYTHLSSGDLLRAEVASGSERGKQLQAIMQKGELVPLDTVLDMIKDAM
IAKADVSKGFLIDGYPREVKQGEEFEKKIGKPCLLLYVDAKAETMVKRLLKRGETSGRSDDNEETIKKRLDLYYKATEPV
IAFYEGRGIVKKVDSELAVDDVFGQVSKAIDAL
;
_entity_poly.pdbx_strand_id   A,B
#
loop_
_chem_comp.id
_chem_comp.type
_chem_comp.name
_chem_comp.formula
AP5 non-polymer BIS(ADENOSINE)-5'-PENTAPHOSPHATE 'C20 H29 N10 O22 P5'
MG non-polymer 'MAGNESIUM ION' 'Mg 2'
#
# COMPACT_ATOMS: atom_id res chain seq x y z
N ASP A 3 -21.96 10.46 11.34
CA ASP A 3 -21.89 11.48 10.29
C ASP A 3 -20.54 12.19 10.46
N LYS A 4 -19.59 11.43 11.03
CA LYS A 4 -18.21 11.88 11.14
C LYS A 4 -17.66 12.06 9.75
N ILE A 5 -18.16 11.22 8.84
CA ILE A 5 -17.72 11.16 7.45
C ILE A 5 -18.14 12.37 6.61
N LYS A 6 -19.43 12.70 6.64
CA LYS A 6 -19.94 13.78 5.81
C LYS A 6 -19.34 15.12 6.24
N ASP A 7 -18.95 15.21 7.52
CA ASP A 7 -18.24 16.37 8.06
C ASP A 7 -16.72 16.25 7.92
N ALA A 8 -16.27 15.13 7.39
CA ALA A 8 -14.83 14.89 7.29
C ALA A 8 -14.21 15.62 6.10
N LYS A 9 -12.90 15.84 6.18
CA LYS A 9 -12.14 16.40 5.08
C LYS A 9 -12.00 15.36 3.98
N ILE A 10 -12.54 15.63 2.79
CA ILE A 10 -12.46 14.68 1.69
C ILE A 10 -11.77 15.31 0.50
N ILE A 11 -10.67 14.70 0.06
CA ILE A 11 -9.92 15.19 -1.10
C ILE A 11 -10.01 14.17 -2.23
N PHE A 12 -10.49 14.61 -3.39
CA PHE A 12 -10.49 13.76 -4.59
C PHE A 12 -9.15 13.89 -5.33
N VAL A 13 -8.62 12.79 -5.87
CA VAL A 13 -7.42 12.86 -6.68
C VAL A 13 -7.73 12.23 -8.04
N VAL A 14 -7.68 13.07 -9.07
CA VAL A 14 -8.10 12.66 -10.40
C VAL A 14 -7.00 12.97 -11.39
N GLY A 15 -6.75 12.03 -12.30
CA GLY A 15 -5.71 12.23 -13.32
C GLY A 15 -5.67 10.99 -14.20
N GLY A 16 -4.99 11.09 -15.34
CA GLY A 16 -4.96 9.98 -16.27
C GLY A 16 -4.18 8.76 -15.79
N PRO A 17 -4.31 7.65 -16.52
CA PRO A 17 -3.51 6.47 -16.15
C PRO A 17 -2.02 6.77 -16.25
N GLY A 18 -1.29 6.52 -15.17
CA GLY A 18 0.14 6.77 -15.19
C GLY A 18 0.53 8.21 -14.95
N SER A 19 -0.44 9.06 -14.61
CA SER A 19 -0.14 10.48 -14.41
C SER A 19 0.64 10.75 -13.12
N GLY A 20 0.57 9.82 -12.17
CA GLY A 20 1.26 9.97 -10.91
C GLY A 20 0.39 10.15 -9.67
N LYS A 21 -0.89 9.78 -9.77
CA LYS A 21 -1.82 9.88 -8.64
C LYS A 21 -1.31 9.14 -7.40
N GLY A 22 -0.95 7.88 -7.58
CA GLY A 22 -0.56 7.05 -6.46
C GLY A 22 0.72 7.57 -5.81
N THR A 23 1.67 7.93 -6.65
CA THR A 23 2.92 8.50 -6.20
C THR A 23 2.70 9.70 -5.30
N GLN A 24 1.87 10.63 -5.76
CA GLN A 24 1.60 11.83 -4.96
C GLN A 24 0.83 11.49 -3.70
N CYS A 25 -0.12 10.56 -3.79
CA CYS A 25 -0.88 10.17 -2.61
C CYS A 25 0.00 9.54 -1.52
N GLU A 26 1.00 8.75 -1.91
CA GLU A 26 1.87 8.13 -0.90
C GLU A 26 2.66 9.22 -0.17
N LYS A 27 3.03 10.27 -0.88
CA LYS A 27 3.73 11.40 -0.25
C LYS A 27 2.81 12.16 0.70
N ILE A 28 1.55 12.33 0.29
CA ILE A 28 0.56 12.99 1.13
C ILE A 28 0.38 12.23 2.44
N VAL A 29 0.29 10.91 2.34
CA VAL A 29 0.11 10.09 3.53
C VAL A 29 1.28 10.25 4.48
N ALA A 30 2.49 10.20 3.93
CA ALA A 30 3.69 10.28 4.77
C ALA A 30 3.77 11.64 5.46
N LYS A 31 3.37 12.70 4.74
CA LYS A 31 3.50 14.05 5.28
C LYS A 31 2.32 14.47 6.14
N TYR A 32 1.11 14.26 5.64
CA TYR A 32 -0.09 14.79 6.30
C TYR A 32 -0.89 13.72 7.05
N GLY A 33 -0.65 12.46 6.75
CA GLY A 33 -1.27 11.38 7.49
C GLY A 33 -2.70 11.07 7.11
N TYR A 34 -3.15 11.57 5.97
CA TYR A 34 -4.50 11.26 5.50
C TYR A 34 -4.68 9.78 5.18
N THR A 35 -5.94 9.35 5.23
CA THR A 35 -6.34 7.99 4.91
C THR A 35 -6.44 7.80 3.41
N HIS A 36 -5.55 6.99 2.84
CA HIS A 36 -5.47 6.87 1.39
C HIS A 36 -6.33 5.72 0.91
N LEU A 37 -7.40 6.05 0.19
CA LEU A 37 -8.29 5.05 -0.41
C LEU A 37 -8.17 5.09 -1.91
N SER A 38 -7.51 4.08 -2.47
CA SER A 38 -7.37 3.98 -3.91
C SER A 38 -8.42 3.04 -4.47
N SER A 39 -9.21 3.50 -5.43
CA SER A 39 -10.22 2.61 -6.03
C SER A 39 -9.54 1.38 -6.65
N GLY A 40 -8.46 1.60 -7.41
CA GLY A 40 -7.70 0.51 -7.98
C GLY A 40 -7.23 -0.50 -6.93
N ASP A 41 -6.71 0.01 -5.81
CA ASP A 41 -6.18 -0.88 -4.78
C ASP A 41 -7.31 -1.70 -4.14
N LEU A 42 -8.44 -1.05 -3.87
CA LEU A 42 -9.60 -1.75 -3.31
C LEU A 42 -10.08 -2.83 -4.28
N LEU A 43 -10.14 -2.51 -5.56
CA LEU A 43 -10.58 -3.47 -6.57
C LEU A 43 -9.60 -4.65 -6.68
N ARG A 44 -8.30 -4.36 -6.71
CA ARG A 44 -7.31 -5.43 -6.81
C ARG A 44 -7.31 -6.30 -5.55
N ALA A 45 -7.68 -5.72 -4.41
CA ALA A 45 -7.82 -6.49 -3.18
C ALA A 45 -8.97 -7.51 -3.28
N GLU A 46 -10.05 -7.12 -3.95
CA GLU A 46 -11.18 -8.03 -4.13
C GLU A 46 -10.76 -9.15 -5.08
N VAL A 47 -9.98 -8.80 -6.10
CA VAL A 47 -9.44 -9.83 -6.98
C VAL A 47 -8.60 -10.82 -6.18
N ALA A 48 -7.76 -10.29 -5.31
CA ALA A 48 -6.82 -11.11 -4.54
C ALA A 48 -7.53 -12.04 -3.56
N SER A 49 -8.77 -11.72 -3.21
CA SER A 49 -9.52 -12.56 -2.28
C SER A 49 -9.91 -13.89 -2.89
N GLY A 50 -9.80 -14.01 -4.21
CA GLY A 50 -10.22 -15.23 -4.88
C GLY A 50 -11.71 -15.34 -5.10
N SER A 51 -12.45 -14.30 -4.72
CA SER A 51 -13.91 -14.29 -4.84
C SER A 51 -14.36 -14.31 -6.29
N GLU A 52 -15.59 -14.78 -6.53
CA GLU A 52 -16.15 -14.74 -7.88
C GLU A 52 -16.31 -13.30 -8.37
N ARG A 53 -16.67 -12.40 -7.45
CA ARG A 53 -16.73 -10.98 -7.77
C ARG A 53 -15.36 -10.53 -8.25
N GLY A 54 -14.33 -10.97 -7.54
CA GLY A 54 -12.96 -10.62 -7.92
C GLY A 54 -12.62 -11.03 -9.34
N LYS A 55 -13.04 -12.24 -9.73
CA LYS A 55 -12.78 -12.70 -11.08
C LYS A 55 -13.47 -11.81 -12.12
N GLN A 56 -14.70 -11.37 -11.82
CA GLN A 56 -15.44 -10.53 -12.73
C GLN A 56 -14.78 -9.16 -12.89
N LEU A 57 -14.32 -8.61 -11.77
CA LEU A 57 -13.67 -7.32 -11.78
C LEU A 57 -12.34 -7.41 -12.50
N GLN A 58 -11.64 -8.52 -12.31
CA GLN A 58 -10.36 -8.72 -12.97
C GLN A 58 -10.51 -8.65 -14.49
N ALA A 59 -11.54 -9.29 -15.01
CA ALA A 59 -11.78 -9.32 -16.46
C ALA A 59 -12.04 -7.92 -16.99
N ILE A 60 -12.81 -7.13 -16.24
CA ILE A 60 -13.14 -5.77 -16.63
C ILE A 60 -11.89 -4.90 -16.63
N MET A 61 -11.11 -5.00 -15.56
CA MET A 61 -9.90 -4.17 -15.45
C MET A 61 -8.85 -4.55 -16.50
N GLN A 62 -8.79 -5.82 -16.86
CA GLN A 62 -7.84 -6.26 -17.89
C GLN A 62 -8.18 -5.66 -19.25
N LYS A 63 -9.45 -5.37 -19.48
CA LYS A 63 -9.89 -4.77 -20.74
C LYS A 63 -9.72 -3.25 -20.75
N GLY A 64 -9.38 -2.69 -19.59
CA GLY A 64 -9.23 -1.25 -19.47
C GLY A 64 -10.53 -0.50 -19.30
N GLU A 65 -11.59 -1.23 -18.91
CA GLU A 65 -12.92 -0.64 -18.82
C GLU A 65 -13.27 -0.23 -17.40
N LEU A 66 -14.30 0.61 -17.26
CA LEU A 66 -14.75 1.01 -15.92
C LEU A 66 -15.61 -0.08 -15.28
N VAL A 67 -15.30 -0.42 -14.04
CA VAL A 67 -16.18 -1.31 -13.28
C VAL A 67 -17.47 -0.55 -12.87
N PRO A 68 -18.56 -1.29 -12.61
CA PRO A 68 -19.83 -0.65 -12.23
C PRO A 68 -19.69 0.31 -11.05
N LEU A 69 -20.37 1.45 -11.17
CA LEU A 69 -20.33 2.51 -10.16
C LEU A 69 -20.59 2.02 -8.74
N ASP A 70 -21.71 1.32 -8.54
CA ASP A 70 -22.08 0.85 -7.21
C ASP A 70 -20.99 0.03 -6.56
N THR A 71 -20.31 -0.79 -7.35
CA THR A 71 -19.31 -1.69 -6.80
C THR A 71 -18.16 -0.92 -6.19
N VAL A 72 -17.60 0.03 -6.93
CA VAL A 72 -16.45 0.76 -6.43
C VAL A 72 -16.88 1.78 -5.35
N LEU A 73 -18.01 2.46 -5.55
CA LEU A 73 -18.46 3.41 -4.54
C LEU A 73 -18.71 2.71 -3.20
N ASP A 74 -19.33 1.53 -3.25
CA ASP A 74 -19.63 0.81 -2.01
C ASP A 74 -18.34 0.37 -1.30
N MET A 75 -17.34 -0.05 -2.07
CA MET A 75 -16.06 -0.39 -1.47
C MET A 75 -15.45 0.82 -0.76
N ILE A 76 -15.50 1.97 -1.43
CA ILE A 76 -14.94 3.19 -0.86
C ILE A 76 -15.72 3.62 0.38
N LYS A 77 -17.05 3.57 0.32
CA LYS A 77 -17.90 3.94 1.46
C LYS A 77 -17.62 3.07 2.67
N ASP A 78 -17.49 1.77 2.44
CA ASP A 78 -17.24 0.84 3.53
C ASP A 78 -15.89 1.10 4.18
N ALA A 79 -14.91 1.42 3.36
CA ALA A 79 -13.57 1.70 3.86
C ALA A 79 -13.55 3.01 4.67
N MET A 80 -14.26 4.02 4.20
CA MET A 80 -14.39 5.27 4.94
C MET A 80 -15.05 5.07 6.30
N ILE A 81 -16.13 4.29 6.35
CA ILE A 81 -16.81 4.00 7.61
C ILE A 81 -15.89 3.30 8.59
N ALA A 82 -15.10 2.35 8.10
CA ALA A 82 -14.20 1.59 8.97
C ALA A 82 -13.15 2.48 9.64
N LYS A 83 -12.88 3.64 9.05
CA LYS A 83 -11.84 4.54 9.56
C LYS A 83 -12.39 5.87 10.07
N ALA A 84 -13.73 6.01 10.05
CA ALA A 84 -14.35 7.31 10.35
C ALA A 84 -13.99 7.86 11.74
N ASP A 85 -13.72 6.99 12.69
CA ASP A 85 -13.46 7.44 14.07
C ASP A 85 -12.03 7.90 14.30
N VAL A 86 -11.11 7.46 13.45
CA VAL A 86 -9.70 7.69 13.68
C VAL A 86 -9.02 8.52 12.59
N SER A 87 -9.68 8.66 11.44
CA SER A 87 -9.06 9.32 10.29
C SER A 87 -8.83 10.82 10.45
N LYS A 88 -7.70 11.30 9.93
CA LYS A 88 -7.40 12.72 9.91
C LYS A 88 -7.92 13.40 8.63
N GLY A 89 -8.53 12.61 7.75
CA GLY A 89 -9.03 13.13 6.49
C GLY A 89 -8.93 12.05 5.43
N PHE A 90 -9.74 12.15 4.38
CA PHE A 90 -9.75 11.10 3.38
C PHE A 90 -9.23 11.54 2.04
N LEU A 91 -8.36 10.71 1.48
CA LEU A 91 -7.74 10.96 0.19
C LEU A 91 -8.32 9.92 -0.77
N ILE A 92 -9.26 10.31 -1.62
CA ILE A 92 -9.89 9.37 -2.55
C ILE A 92 -9.19 9.43 -3.91
N ASP A 93 -8.52 8.34 -4.26
CA ASP A 93 -7.55 8.25 -5.35
C ASP A 93 -8.10 7.36 -6.46
N GLY A 94 -8.48 7.96 -7.59
CA GLY A 94 -8.96 7.18 -8.72
C GLY A 94 -10.47 7.08 -8.81
N TYR A 95 -11.14 7.72 -7.86
CA TYR A 95 -12.58 7.90 -7.86
C TYR A 95 -12.81 9.36 -7.49
N PRO A 96 -13.69 10.08 -8.21
CA PRO A 96 -14.55 9.63 -9.32
C PRO A 96 -13.91 9.71 -10.69
N ARG A 97 -14.39 8.86 -11.60
CA ARG A 97 -13.87 8.80 -12.95
C ARG A 97 -14.94 9.14 -13.99
N GLU A 98 -16.17 9.40 -13.53
CA GLU A 98 -17.19 9.96 -14.42
C GLU A 98 -18.04 10.92 -13.60
N VAL A 99 -18.77 11.82 -14.26
CA VAL A 99 -19.53 12.83 -13.53
C VAL A 99 -20.53 12.17 -12.59
N LYS A 100 -21.19 11.12 -13.06
CA LYS A 100 -22.16 10.40 -12.22
C LYS A 100 -21.51 9.81 -10.95
N GLN A 101 -20.24 9.41 -11.03
CA GLN A 101 -19.57 8.89 -9.83
C GLN A 101 -19.40 9.98 -8.78
N GLY A 102 -19.09 11.19 -9.23
CA GLY A 102 -18.99 12.30 -8.29
C GLY A 102 -20.33 12.62 -7.66
N GLU A 103 -21.38 12.63 -8.48
CA GLU A 103 -22.73 12.95 -7.98
C GLU A 103 -23.24 11.92 -6.98
N GLU A 104 -23.00 10.64 -7.23
CA GLU A 104 -23.46 9.61 -6.31
C GLU A 104 -22.66 9.63 -5.01
N PHE A 105 -21.37 9.89 -5.11
CA PHE A 105 -20.54 10.05 -3.92
C PHE A 105 -21.10 11.17 -3.04
N GLU A 106 -21.51 12.28 -3.64
CA GLU A 106 -22.05 13.38 -2.86
C GLU A 106 -23.41 13.05 -2.25
N LYS A 107 -24.18 12.22 -2.95
CA LYS A 107 -25.49 11.79 -2.47
C LYS A 107 -25.36 10.83 -1.28
N LYS A 108 -24.37 9.95 -1.33
CA LYS A 108 -24.31 8.84 -0.37
C LYS A 108 -23.27 9.02 0.73
N ILE A 109 -22.32 9.92 0.53
CA ILE A 109 -21.20 10.04 1.47
C ILE A 109 -20.92 11.46 1.94
N GLY A 110 -20.49 12.33 1.04
CA GLY A 110 -20.24 13.72 1.41
C GLY A 110 -19.65 14.51 0.27
N LYS A 111 -19.37 15.79 0.51
CA LYS A 111 -18.84 16.63 -0.56
C LYS A 111 -17.34 16.84 -0.41
N PRO A 112 -16.60 16.71 -1.51
CA PRO A 112 -15.14 16.94 -1.44
C PRO A 112 -14.84 18.41 -1.19
N CYS A 113 -13.73 18.69 -0.51
CA CYS A 113 -13.33 20.07 -0.24
C CYS A 113 -12.23 20.52 -1.19
N LEU A 114 -11.67 19.56 -1.92
CA LEU A 114 -10.54 19.78 -2.82
C LEU A 114 -10.47 18.68 -3.83
N LEU A 115 -10.20 19.02 -5.09
CA LEU A 115 -9.82 18.00 -6.06
C LEU A 115 -8.43 18.32 -6.59
N LEU A 116 -7.52 17.35 -6.45
CA LEU A 116 -6.18 17.50 -6.96
C LEU A 116 -6.15 16.90 -8.35
N TYR A 117 -5.96 17.75 -9.35
CA TYR A 117 -5.92 17.35 -10.75
C TYR A 117 -4.48 17.10 -11.13
N VAL A 118 -4.12 15.82 -11.18
CA VAL A 118 -2.76 15.40 -11.48
C VAL A 118 -2.63 15.35 -13.00
N ASP A 119 -2.07 16.41 -13.56
CA ASP A 119 -2.16 16.67 -14.99
C ASP A 119 -0.86 16.26 -15.68
N ALA A 120 -1.00 15.39 -16.67
CA ALA A 120 0.14 14.96 -17.49
C ALA A 120 -0.31 14.81 -18.92
N LYS A 121 0.63 14.89 -19.85
CA LYS A 121 0.33 14.71 -21.27
C LYS A 121 0.13 13.23 -21.60
N ALA A 122 -0.65 12.95 -22.65
CA ALA A 122 -0.91 11.57 -23.02
C ALA A 122 0.39 10.79 -23.29
N GLU A 123 1.33 11.41 -24.00
CA GLU A 123 2.54 10.67 -24.37
C GLU A 123 3.39 10.37 -23.14
N THR A 124 3.37 11.28 -22.17
CA THR A 124 4.02 11.04 -20.87
C THR A 124 3.43 9.83 -20.16
N MET A 125 2.11 9.75 -20.14
CA MET A 125 1.44 8.63 -19.48
C MET A 125 1.78 7.30 -20.14
N VAL A 126 1.78 7.28 -21.48
CA VAL A 126 2.10 6.05 -22.18
C VAL A 126 3.50 5.58 -21.84
N LYS A 127 4.46 6.50 -21.85
CA LYS A 127 5.86 6.18 -21.54
C LYS A 127 5.99 5.62 -20.13
N ARG A 128 5.29 6.24 -19.19
CA ARG A 128 5.37 5.83 -17.79
C ARG A 128 4.79 4.45 -17.59
N LEU A 129 3.67 4.19 -18.22
CA LEU A 129 2.97 2.92 -18.04
C LEU A 129 3.72 1.77 -18.71
N LEU A 130 4.27 2.02 -19.89
CA LEU A 130 5.08 1.00 -20.55
C LEU A 130 6.31 0.65 -19.72
N LYS A 131 6.94 1.66 -19.13
CA LYS A 131 8.11 1.43 -18.27
C LYS A 131 7.71 0.62 -17.03
N ARG A 132 6.62 1.03 -16.38
CA ARG A 132 6.17 0.30 -15.20
C ARG A 132 5.79 -1.13 -15.57
N GLY A 133 5.18 -1.30 -16.74
CA GLY A 133 4.79 -2.62 -17.22
C GLY A 133 5.94 -3.59 -17.46
N GLU A 134 7.17 -3.08 -17.51
CA GLU A 134 8.34 -3.96 -17.62
C GLU A 134 8.46 -4.88 -16.42
N THR A 135 7.93 -4.43 -15.28
CA THR A 135 8.15 -5.14 -14.02
C THR A 135 6.88 -5.38 -13.19
N SER A 136 5.84 -4.59 -13.44
CA SER A 136 4.68 -4.60 -12.53
C SER A 136 3.85 -5.87 -12.63
N GLY A 137 2.93 -6.04 -11.67
CA GLY A 137 2.02 -7.17 -11.68
C GLY A 137 0.72 -6.86 -12.41
N ARG A 138 0.68 -5.68 -13.04
CA ARG A 138 -0.52 -5.21 -13.73
C ARG A 138 -0.64 -5.77 -15.14
N SER A 139 -1.73 -6.47 -15.43
CA SER A 139 -1.93 -7.02 -16.76
C SER A 139 -2.45 -5.97 -17.76
N ASP A 140 -2.79 -4.78 -17.26
CA ASP A 140 -3.35 -3.74 -18.12
C ASP A 140 -2.30 -2.72 -18.56
N ASP A 141 -1.04 -2.94 -18.19
CA ASP A 141 0.04 -2.03 -18.59
C ASP A 141 0.65 -2.48 -19.92
N ASN A 142 -0.20 -2.83 -20.88
CA ASN A 142 0.29 -3.17 -22.22
C ASN A 142 -0.21 -2.11 -23.17
N GLU A 143 0.46 -1.92 -24.32
CA GLU A 143 0.16 -0.75 -25.15
C GLU A 143 -1.32 -0.66 -25.58
N GLU A 144 -1.92 -1.78 -25.98
CA GLU A 144 -3.32 -1.75 -26.42
C GLU A 144 -4.29 -1.33 -25.31
N THR A 145 -4.10 -1.87 -24.10
CA THR A 145 -5.01 -1.57 -23.01
C THR A 145 -4.73 -0.17 -22.48
N ILE A 146 -3.46 0.24 -22.58
CA ILE A 146 -3.10 1.59 -22.18
C ILE A 146 -3.89 2.59 -23.03
N LYS A 147 -3.94 2.35 -24.34
CA LYS A 147 -4.70 3.23 -25.24
C LYS A 147 -6.19 3.27 -24.88
N LYS A 148 -6.77 2.14 -24.51
CA LYS A 148 -8.18 2.10 -24.10
C LYS A 148 -8.40 2.90 -22.81
N ARG A 149 -7.48 2.76 -21.86
CA ARG A 149 -7.56 3.49 -20.60
C ARG A 149 -7.49 4.99 -20.84
N LEU A 150 -6.63 5.41 -21.76
CA LEU A 150 -6.50 6.83 -22.09
C LEU A 150 -7.76 7.35 -22.75
N ASP A 151 -8.30 6.59 -23.69
CA ASP A 151 -9.51 7.01 -24.40
C ASP A 151 -10.65 7.25 -23.41
N LEU A 152 -10.79 6.36 -22.45
CA LEU A 152 -11.85 6.44 -21.45
C LEU A 152 -11.62 7.63 -20.55
N TYR A 153 -10.36 7.87 -20.24
CA TYR A 153 -10.01 8.98 -19.38
C TYR A 153 -10.43 10.31 -20.01
N TYR A 154 -10.08 10.51 -21.28
CA TYR A 154 -10.42 11.78 -21.93
C TYR A 154 -11.92 11.91 -22.15
N LYS A 155 -12.59 10.79 -22.40
CA LYS A 155 -14.01 10.82 -22.71
C LYS A 155 -14.87 10.99 -21.46
N ALA A 156 -14.57 10.22 -20.43
CA ALA A 156 -15.44 10.13 -19.26
C ALA A 156 -14.91 10.90 -18.06
N THR A 157 -13.59 10.93 -17.90
CA THR A 157 -13.01 11.44 -16.67
C THR A 157 -12.64 12.92 -16.77
N GLU A 158 -12.22 13.38 -17.95
CA GLU A 158 -11.97 14.81 -18.07
C GLU A 158 -13.21 15.69 -17.75
N PRO A 159 -14.44 15.26 -18.13
CA PRO A 159 -15.60 16.04 -17.67
C PRO A 159 -15.73 16.15 -16.13
N VAL A 160 -15.23 15.17 -15.39
CA VAL A 160 -15.17 15.25 -13.94
C VAL A 160 -14.38 16.44 -13.48
N ILE A 161 -13.25 16.66 -14.16
CA ILE A 161 -12.40 17.82 -13.85
C ILE A 161 -13.20 19.09 -14.13
N ALA A 162 -13.87 19.15 -15.27
CA ALA A 162 -14.67 20.32 -15.62
C ALA A 162 -15.76 20.56 -14.56
N PHE A 163 -16.43 19.48 -14.16
CA PHE A 163 -17.47 19.55 -13.12
C PHE A 163 -16.96 20.22 -11.84
N TYR A 164 -15.80 19.77 -11.34
CA TYR A 164 -15.33 20.34 -10.07
C TYR A 164 -14.61 21.66 -10.25
N GLU A 165 -14.24 21.98 -11.49
CA GLU A 165 -13.84 23.35 -11.78
C GLU A 165 -15.02 24.30 -11.62
N GLY A 166 -16.19 23.87 -12.11
CA GLY A 166 -17.40 24.66 -11.96
C GLY A 166 -17.79 24.77 -10.50
N ARG A 167 -17.53 23.70 -9.74
CA ARG A 167 -17.76 23.70 -8.29
C ARG A 167 -16.82 24.69 -7.60
N GLY A 168 -15.59 24.76 -8.11
CA GLY A 168 -14.62 25.74 -7.67
C GLY A 168 -13.55 25.19 -6.73
N ILE A 169 -13.34 23.87 -6.77
CA ILE A 169 -12.43 23.25 -5.81
C ILE A 169 -11.19 22.56 -6.43
N VAL A 170 -10.97 22.77 -7.73
CA VAL A 170 -9.86 22.08 -8.39
C VAL A 170 -8.53 22.82 -8.23
N LYS A 171 -7.48 22.10 -7.87
CA LYS A 171 -6.13 22.63 -7.94
C LYS A 171 -5.35 21.72 -8.86
N LYS A 172 -4.86 22.29 -9.96
CA LYS A 172 -4.11 21.52 -10.93
C LYS A 172 -2.65 21.44 -10.52
N VAL A 173 -2.08 20.24 -10.55
CA VAL A 173 -0.65 20.09 -10.32
C VAL A 173 0.01 19.51 -11.57
N ASP A 174 1.16 20.08 -11.90
CA ASP A 174 1.91 19.72 -13.10
C ASP A 174 2.71 18.44 -12.85
N SER A 175 2.15 17.29 -13.22
CA SER A 175 2.83 16.04 -12.90
C SER A 175 3.92 15.70 -13.92
N GLU A 176 4.37 16.67 -14.70
CA GLU A 176 5.49 16.44 -15.58
C GLU A 176 6.79 16.97 -14.98
N LEU A 177 6.67 17.67 -13.86
CA LEU A 177 7.84 18.04 -13.06
C LEU A 177 8.35 16.80 -12.34
N ALA A 178 9.49 16.94 -11.66
CA ALA A 178 10.03 15.86 -10.84
C ALA A 178 9.11 15.60 -9.65
N VAL A 179 9.10 14.37 -9.16
CA VAL A 179 8.14 13.97 -8.12
C VAL A 179 8.08 14.93 -6.93
N ASP A 180 9.22 15.36 -6.41
CA ASP A 180 9.23 16.25 -5.24
C ASP A 180 8.69 17.63 -5.60
N ASP A 181 8.96 18.04 -6.84
CA ASP A 181 8.49 19.33 -7.36
C ASP A 181 6.97 19.34 -7.51
N VAL A 182 6.42 18.25 -8.03
CA VAL A 182 4.98 18.10 -8.08
C VAL A 182 4.40 18.17 -6.67
N PHE A 183 5.07 17.53 -5.73
CA PHE A 183 4.55 17.46 -4.37
C PHE A 183 4.53 18.84 -3.70
N GLY A 184 5.43 19.71 -4.11
CA GLY A 184 5.44 21.08 -3.64
C GLY A 184 4.12 21.78 -3.98
N GLN A 185 3.61 21.53 -5.18
CA GLN A 185 2.35 22.10 -5.63
C GLN A 185 1.18 21.46 -4.89
N VAL A 186 1.26 20.15 -4.69
CA VAL A 186 0.29 19.41 -3.89
C VAL A 186 0.24 19.97 -2.47
N SER A 187 1.42 20.16 -1.87
CA SER A 187 1.50 20.68 -0.50
C SER A 187 0.87 22.05 -0.40
N LYS A 188 1.14 22.90 -1.38
CA LYS A 188 0.56 24.25 -1.42
C LYS A 188 -0.95 24.19 -1.36
N ALA A 189 -1.54 23.28 -2.12
CA ALA A 189 -2.99 23.16 -2.21
C ALA A 189 -3.57 22.65 -0.89
N ILE A 190 -2.96 21.63 -0.30
CA ILE A 190 -3.43 21.07 0.96
C ILE A 190 -3.25 22.06 2.12
N ASP A 191 -2.14 22.81 2.11
CA ASP A 191 -1.86 23.76 3.17
C ASP A 191 -2.90 24.89 3.20
N ALA A 192 -3.52 25.14 2.06
CA ALA A 192 -4.48 26.23 1.94
C ALA A 192 -5.88 25.83 2.38
N LEU A 193 -6.07 24.55 2.72
CA LEU A 193 -7.36 24.08 3.20
C LEU A 193 -7.73 24.71 4.54
N MET B 1 2.28 -26.79 -5.37
CA MET B 1 2.29 -25.47 -4.74
C MET B 1 3.57 -25.23 -3.97
N ALA B 2 4.03 -26.25 -3.26
CA ALA B 2 5.25 -26.16 -2.48
C ALA B 2 6.46 -25.91 -3.38
N ASP B 3 6.46 -26.53 -4.57
CA ASP B 3 7.58 -26.37 -5.48
C ASP B 3 7.59 -24.98 -6.11
N LYS B 4 6.40 -24.48 -6.45
CA LYS B 4 6.27 -23.13 -6.97
C LYS B 4 6.80 -22.13 -5.97
N ILE B 5 6.48 -22.34 -4.70
CA ILE B 5 6.92 -21.45 -3.65
C ILE B 5 8.44 -21.48 -3.46
N LYS B 6 9.02 -22.67 -3.45
CA LYS B 6 10.46 -22.82 -3.34
C LYS B 6 11.21 -22.15 -4.49
N ASP B 7 10.62 -22.20 -5.68
CA ASP B 7 11.26 -21.65 -6.87
C ASP B 7 11.02 -20.15 -7.03
N ALA B 8 10.16 -19.58 -6.19
CA ALA B 8 9.80 -18.16 -6.27
C ALA B 8 10.90 -17.30 -5.71
N LYS B 9 11.00 -16.07 -6.19
CA LYS B 9 11.84 -15.10 -5.50
C LYS B 9 11.16 -14.77 -4.19
N ILE B 10 11.83 -15.05 -3.08
CA ILE B 10 11.30 -14.72 -1.77
C ILE B 10 12.17 -13.62 -1.15
N ILE B 11 11.56 -12.49 -0.87
CA ILE B 11 12.26 -11.35 -0.29
C ILE B 11 11.76 -11.14 1.14
N PHE B 12 12.68 -11.15 2.10
CA PHE B 12 12.34 -10.80 3.48
C PHE B 12 12.48 -9.29 3.69
N VAL B 13 11.56 -8.68 4.44
CA VAL B 13 11.69 -7.27 4.77
C VAL B 13 11.73 -7.16 6.29
N VAL B 14 12.85 -6.67 6.82
CA VAL B 14 13.07 -6.66 8.25
C VAL B 14 13.48 -5.25 8.69
N GLY B 15 12.86 -4.76 9.76
CA GLY B 15 13.17 -3.42 10.24
C GLY B 15 12.36 -3.15 11.49
N GLY B 16 12.75 -2.14 12.25
CA GLY B 16 12.12 -1.90 13.53
C GLY B 16 10.70 -1.40 13.40
N PRO B 17 9.99 -1.27 14.52
CA PRO B 17 8.61 -0.79 14.45
C PRO B 17 8.56 0.66 13.98
N GLY B 18 7.83 0.93 12.92
CA GLY B 18 7.72 2.29 12.40
C GLY B 18 8.87 2.68 11.49
N SER B 19 9.74 1.73 11.14
CA SER B 19 10.93 2.01 10.34
C SER B 19 10.60 2.35 8.89
N GLY B 20 9.46 1.84 8.41
CA GLY B 20 9.01 2.14 7.06
C GLY B 20 8.82 0.93 6.18
N LYS B 21 8.73 -0.26 6.79
CA LYS B 21 8.54 -1.50 6.03
C LYS B 21 7.31 -1.50 5.13
N GLY B 22 6.13 -1.24 5.70
CA GLY B 22 4.90 -1.21 4.93
C GLY B 22 4.95 -0.19 3.80
N THR B 23 5.50 0.98 4.10
CA THR B 23 5.57 2.09 3.15
C THR B 23 6.37 1.64 1.92
N GLN B 24 7.52 1.06 2.17
CA GLN B 24 8.36 0.59 1.08
C GLN B 24 7.72 -0.61 0.37
N CYS B 25 7.03 -1.47 1.14
CA CYS B 25 6.43 -2.64 0.50
C CYS B 25 5.31 -2.26 -0.47
N GLU B 26 4.55 -1.21 -0.14
CA GLU B 26 3.51 -0.71 -1.04
C GLU B 26 4.13 -0.31 -2.39
N LYS B 27 5.29 0.30 -2.33
CA LYS B 27 5.97 0.75 -3.55
C LYS B 27 6.56 -0.42 -4.32
N ILE B 28 7.05 -1.43 -3.60
CA ILE B 28 7.59 -2.63 -4.23
C ILE B 28 6.49 -3.36 -5.00
N VAL B 29 5.31 -3.50 -4.40
CA VAL B 29 4.21 -4.17 -5.08
C VAL B 29 3.80 -3.41 -6.33
N ALA B 30 3.69 -2.10 -6.20
CA ALA B 30 3.24 -1.26 -7.30
C ALA B 30 4.20 -1.36 -8.48
N LYS B 31 5.50 -1.42 -8.19
CA LYS B 31 6.52 -1.40 -9.26
C LYS B 31 6.87 -2.81 -9.75
N TYR B 32 6.96 -3.74 -8.82
CA TYR B 32 7.51 -5.05 -9.14
C TYR B 32 6.50 -6.19 -9.08
N GLY B 33 5.29 -5.92 -8.60
CA GLY B 33 4.22 -6.92 -8.63
C GLY B 33 4.34 -8.15 -7.73
N TYR B 34 5.26 -8.10 -6.77
CA TYR B 34 5.40 -9.17 -5.77
C TYR B 34 4.13 -9.32 -4.94
N THR B 35 3.88 -10.54 -4.48
CA THR B 35 2.77 -10.79 -3.56
C THR B 35 3.20 -10.42 -2.15
N HIS B 36 2.58 -9.40 -1.60
CA HIS B 36 3.00 -8.85 -0.32
C HIS B 36 2.24 -9.54 0.81
N LEU B 37 2.98 -10.21 1.68
CA LEU B 37 2.39 -10.80 2.89
C LEU B 37 3.04 -10.16 4.10
N SER B 38 2.24 -9.40 4.84
CA SER B 38 2.67 -8.77 6.08
C SER B 38 2.23 -9.65 7.23
N SER B 39 3.16 -10.06 8.08
CA SER B 39 2.81 -10.86 9.25
C SER B 39 1.79 -10.12 10.10
N GLY B 40 2.05 -8.83 10.34
CA GLY B 40 1.13 -8.00 11.10
C GLY B 40 -0.25 -7.93 10.49
N ASP B 41 -0.31 -7.75 9.17
CA ASP B 41 -1.61 -7.70 8.48
C ASP B 41 -2.37 -9.02 8.61
N LEU B 42 -1.66 -10.13 8.44
CA LEU B 42 -2.27 -11.46 8.57
C LEU B 42 -2.85 -11.65 9.98
N LEU B 43 -2.07 -11.28 10.98
CA LEU B 43 -2.50 -11.41 12.36
C LEU B 43 -3.73 -10.53 12.65
N ARG B 44 -3.72 -9.31 12.14
CA ARG B 44 -4.84 -8.39 12.39
C ARG B 44 -6.09 -8.85 11.65
N ALA B 45 -5.90 -9.57 10.54
CA ALA B 45 -7.03 -10.16 9.82
C ALA B 45 -7.69 -11.26 10.65
N GLU B 46 -6.87 -12.01 11.38
CA GLU B 46 -7.40 -13.05 12.26
C GLU B 46 -8.16 -12.40 13.42
N VAL B 47 -7.65 -11.28 13.93
CA VAL B 47 -8.38 -10.56 14.96
C VAL B 47 -9.76 -10.12 14.43
N ALA B 48 -9.77 -9.63 13.20
CA ALA B 48 -10.98 -9.08 12.58
C ALA B 48 -12.06 -10.16 12.34
N SER B 49 -11.63 -11.41 12.26
CA SER B 49 -12.57 -12.50 12.02
C SER B 49 -13.51 -12.73 13.21
N GLY B 50 -13.11 -12.27 14.40
CA GLY B 50 -13.90 -12.50 15.60
C GLY B 50 -13.60 -13.85 16.26
N SER B 51 -12.63 -14.56 15.71
CA SER B 51 -12.28 -15.88 16.21
C SER B 51 -11.64 -15.79 17.60
N GLU B 52 -11.73 -16.88 18.36
CA GLU B 52 -11.06 -16.97 19.65
C GLU B 52 -9.55 -16.82 19.52
N ARG B 53 -8.99 -17.38 18.45
CA ARG B 53 -7.58 -17.21 18.16
C ARG B 53 -7.26 -15.72 18.03
N GLY B 54 -8.08 -14.99 17.29
CA GLY B 54 -7.90 -13.57 17.08
C GLY B 54 -7.84 -12.80 18.39
N LYS B 55 -8.73 -13.14 19.33
CA LYS B 55 -8.75 -12.49 20.63
C LYS B 55 -7.44 -12.73 21.37
N GLN B 56 -6.89 -13.93 21.24
CA GLN B 56 -5.63 -14.26 21.88
C GLN B 56 -4.50 -13.44 21.26
N LEU B 57 -4.47 -13.39 19.93
CA LEU B 57 -3.46 -12.63 19.20
C LEU B 57 -3.54 -11.14 19.52
N GLN B 58 -4.75 -10.61 19.63
CA GLN B 58 -4.91 -9.19 19.87
C GLN B 58 -4.31 -8.81 21.22
N ALA B 59 -4.47 -9.67 22.22
CA ALA B 59 -3.92 -9.39 23.55
C ALA B 59 -2.39 -9.36 23.53
N ILE B 60 -1.79 -10.26 22.76
CA ILE B 60 -0.33 -10.32 22.60
C ILE B 60 0.20 -9.08 21.89
N MET B 61 -0.44 -8.74 20.77
CA MET B 61 0.00 -7.60 19.98
C MET B 61 -0.21 -6.27 20.72
N GLN B 62 -1.27 -6.17 21.51
CA GLN B 62 -1.49 -4.97 22.30
C GLN B 62 -0.41 -4.77 23.36
N LYS B 63 0.24 -5.86 23.76
CA LYS B 63 1.33 -5.79 24.73
C LYS B 63 2.66 -5.47 24.06
N GLY B 64 2.69 -5.52 22.74
CA GLY B 64 3.91 -5.31 21.97
C GLY B 64 4.83 -6.52 21.93
N GLU B 65 4.29 -7.68 22.30
CA GLU B 65 5.13 -8.88 22.37
C GLU B 65 5.01 -9.76 21.12
N LEU B 66 5.93 -10.72 21.00
CA LEU B 66 5.94 -11.57 19.81
C LEU B 66 4.98 -12.74 19.96
N VAL B 67 4.14 -12.92 18.94
CA VAL B 67 3.25 -14.08 18.83
C VAL B 67 4.12 -15.33 18.64
N PRO B 68 3.68 -16.48 19.18
CA PRO B 68 4.36 -17.77 18.97
C PRO B 68 4.73 -18.06 17.51
N LEU B 69 5.91 -18.64 17.31
CA LEU B 69 6.47 -18.87 15.97
C LEU B 69 5.53 -19.67 15.08
N ASP B 70 5.08 -20.81 15.59
CA ASP B 70 4.22 -21.71 14.82
C ASP B 70 2.99 -20.99 14.30
N THR B 71 2.42 -20.13 15.12
CA THR B 71 1.19 -19.45 14.73
C THR B 71 1.42 -18.54 13.53
N VAL B 72 2.43 -17.67 13.62
CA VAL B 72 2.73 -16.71 12.56
C VAL B 72 3.19 -17.43 11.29
N LEU B 73 4.08 -18.39 11.46
CA LEU B 73 4.65 -19.07 10.31
C LEU B 73 3.58 -19.85 9.56
N ASP B 74 2.68 -20.52 10.29
CA ASP B 74 1.63 -21.28 9.64
C ASP B 74 0.69 -20.37 8.83
N MET B 75 0.42 -19.18 9.36
CA MET B 75 -0.43 -18.22 8.66
C MET B 75 0.23 -17.77 7.36
N ILE B 76 1.53 -17.53 7.43
CA ILE B 76 2.28 -17.12 6.25
C ILE B 76 2.33 -18.25 5.24
N LYS B 77 2.58 -19.47 5.71
CA LYS B 77 2.65 -20.63 4.80
C LYS B 77 1.32 -20.82 4.08
N ASP B 78 0.22 -20.75 4.81
CA ASP B 78 -1.10 -20.95 4.23
C ASP B 78 -1.39 -19.87 3.18
N ALA B 79 -1.03 -18.62 3.51
CA ALA B 79 -1.24 -17.51 2.59
C ALA B 79 -0.41 -17.69 1.31
N MET B 80 0.83 -18.15 1.46
CA MET B 80 1.71 -18.37 0.31
C MET B 80 1.15 -19.47 -0.56
N ILE B 81 0.71 -20.56 0.06
CA ILE B 81 0.12 -21.65 -0.70
C ILE B 81 -1.14 -21.19 -1.45
N ALA B 82 -1.96 -20.39 -0.79
CA ALA B 82 -3.19 -19.90 -1.40
C ALA B 82 -2.92 -19.02 -2.63
N LYS B 83 -1.73 -18.40 -2.67
CA LYS B 83 -1.42 -17.46 -3.74
C LYS B 83 -0.32 -17.93 -4.71
N ALA B 84 0.16 -19.15 -4.51
CA ALA B 84 1.30 -19.67 -5.28
C ALA B 84 1.07 -19.66 -6.79
N ASP B 85 -0.15 -19.96 -7.21
CA ASP B 85 -0.44 -20.10 -8.63
C ASP B 85 -0.41 -18.78 -9.39
N VAL B 86 -0.62 -17.68 -8.68
CA VAL B 86 -0.69 -16.37 -9.35
C VAL B 86 0.48 -15.49 -8.96
N SER B 87 1.29 -15.93 -8.01
CA SER B 87 2.42 -15.15 -7.55
C SER B 87 3.60 -15.24 -8.51
N LYS B 88 4.31 -14.14 -8.67
CA LYS B 88 5.55 -14.15 -9.43
C LYS B 88 6.73 -13.87 -8.49
N GLY B 89 6.44 -13.86 -7.20
CA GLY B 89 7.45 -13.63 -6.18
C GLY B 89 6.74 -13.23 -4.90
N PHE B 90 7.37 -13.45 -3.75
CA PHE B 90 6.76 -13.12 -2.47
C PHE B 90 7.59 -12.12 -1.69
N LEU B 91 6.89 -11.21 -1.05
CA LEU B 91 7.48 -10.17 -0.25
C LEU B 91 6.97 -10.39 1.15
N ILE B 92 7.84 -10.91 2.01
CA ILE B 92 7.45 -11.28 3.37
C ILE B 92 7.90 -10.16 4.29
N ASP B 93 6.92 -9.46 4.85
CA ASP B 93 7.09 -8.19 5.53
C ASP B 93 6.86 -8.39 7.02
N GLY B 94 7.92 -8.27 7.83
CA GLY B 94 7.78 -8.38 9.28
C GLY B 94 7.95 -9.78 9.84
N TYR B 95 8.33 -10.70 8.96
CA TYR B 95 8.79 -12.04 9.32
C TYR B 95 10.01 -12.29 8.44
N PRO B 96 11.10 -12.83 9.00
CA PRO B 96 11.33 -13.32 10.36
C PRO B 96 11.73 -12.23 11.34
N ARG B 97 11.40 -12.44 12.62
CA ARG B 97 11.75 -11.48 13.67
C ARG B 97 12.65 -12.13 14.72
N GLU B 98 12.98 -13.40 14.49
CA GLU B 98 13.94 -14.12 15.33
C GLU B 98 14.75 -15.02 14.43
N VAL B 99 15.92 -15.42 14.88
CA VAL B 99 16.73 -16.31 14.05
C VAL B 99 15.99 -17.63 13.82
N LYS B 100 15.40 -18.18 14.87
CA LYS B 100 14.64 -19.44 14.74
C LYS B 100 13.47 -19.29 13.73
N GLN B 101 12.90 -18.08 13.63
CA GLN B 101 11.83 -17.88 12.65
C GLN B 101 12.33 -18.04 11.22
N GLY B 102 13.52 -17.51 10.94
CA GLY B 102 14.12 -17.68 9.63
C GLY B 102 14.44 -19.14 9.35
N GLU B 103 14.99 -19.81 10.34
CA GLU B 103 15.39 -21.21 10.16
C GLU B 103 14.18 -22.10 9.87
N GLU B 104 13.08 -21.86 10.58
CA GLU B 104 11.88 -22.69 10.43
C GLU B 104 11.19 -22.41 9.11
N PHE B 105 11.25 -21.15 8.66
CA PHE B 105 10.75 -20.78 7.34
C PHE B 105 11.52 -21.54 6.26
N GLU B 106 12.84 -21.61 6.41
CA GLU B 106 13.64 -22.33 5.43
C GLU B 106 13.35 -23.83 5.44
N LYS B 107 13.10 -24.37 6.62
CA LYS B 107 12.74 -25.77 6.77
C LYS B 107 11.40 -26.10 6.10
N LYS B 108 10.43 -25.21 6.25
CA LYS B 108 9.04 -25.53 5.89
C LYS B 108 8.55 -24.93 4.59
N ILE B 109 9.25 -23.92 4.07
CA ILE B 109 8.76 -23.17 2.91
C ILE B 109 9.83 -22.99 1.84
N GLY B 110 10.90 -22.26 2.13
CA GLY B 110 11.93 -22.01 1.14
C GLY B 110 12.99 -21.03 1.59
N LYS B 111 13.97 -20.77 0.73
CA LYS B 111 15.07 -19.88 1.09
C LYS B 111 14.87 -18.51 0.49
N PRO B 112 15.13 -17.46 1.27
CA PRO B 112 15.03 -16.12 0.69
C PRO B 112 16.18 -15.83 -0.27
N CYS B 113 15.93 -14.99 -1.27
CA CYS B 113 17.01 -14.59 -2.18
C CYS B 113 17.51 -13.17 -1.86
N LEU B 114 16.79 -12.46 -1.00
CA LEU B 114 17.14 -11.10 -0.63
C LEU B 114 16.51 -10.74 0.71
N LEU B 115 17.25 -10.02 1.55
CA LEU B 115 16.63 -9.45 2.74
C LEU B 115 16.85 -7.95 2.65
N LEU B 116 15.74 -7.21 2.61
CA LEU B 116 15.79 -5.77 2.67
C LEU B 116 15.75 -5.33 4.12
N TYR B 117 16.85 -4.74 4.58
CA TYR B 117 16.98 -4.25 5.95
C TYR B 117 16.59 -2.78 5.95
N VAL B 118 15.38 -2.50 6.40
CA VAL B 118 14.86 -1.15 6.44
C VAL B 118 15.40 -0.51 7.71
N ASP B 119 16.46 0.27 7.56
CA ASP B 119 17.23 0.72 8.72
C ASP B 119 16.86 2.15 9.13
N ALA B 120 16.47 2.29 10.39
CA ALA B 120 16.17 3.59 10.97
C ALA B 120 16.66 3.65 12.41
N LYS B 121 16.90 4.86 12.90
CA LYS B 121 17.24 5.06 14.31
C LYS B 121 16.02 4.85 15.19
N ALA B 122 16.24 4.44 16.44
CA ALA B 122 15.15 4.27 17.39
C ALA B 122 14.31 5.53 17.56
N GLU B 123 14.97 6.69 17.66
CA GLU B 123 14.27 7.94 17.88
C GLU B 123 13.41 8.30 16.66
N THR B 124 13.84 7.86 15.48
CA THR B 124 13.06 8.08 14.27
C THR B 124 11.80 7.21 14.28
N MET B 125 11.96 5.97 14.72
CA MET B 125 10.83 5.06 14.79
C MET B 125 9.77 5.56 15.78
N VAL B 126 10.22 6.02 16.94
CA VAL B 126 9.32 6.54 17.95
C VAL B 126 8.52 7.73 17.42
N LYS B 127 9.22 8.67 16.78
CA LYS B 127 8.58 9.85 16.25
C LYS B 127 7.53 9.46 15.21
N ARG B 128 7.87 8.50 14.37
CA ARG B 128 6.98 8.07 13.30
C ARG B 128 5.74 7.37 13.87
N LEU B 129 5.95 6.58 14.91
CA LEU B 129 4.85 5.84 15.52
C LEU B 129 3.92 6.77 16.27
N LEU B 130 4.49 7.76 16.96
CA LEU B 130 3.70 8.72 17.69
C LEU B 130 2.93 9.63 16.76
N LYS B 131 3.56 10.01 15.64
CA LYS B 131 2.90 10.89 14.68
C LYS B 131 1.69 10.18 14.07
N ARG B 132 1.86 8.91 13.70
CA ARG B 132 0.78 8.12 13.13
C ARG B 132 -0.33 7.91 14.15
N GLY B 133 0.06 7.55 15.37
CA GLY B 133 -0.89 7.33 16.44
C GLY B 133 -1.89 6.25 16.08
N GLU B 134 -3.17 6.55 16.26
CA GLU B 134 -4.21 5.55 16.04
C GLU B 134 -4.94 5.77 14.71
N THR B 135 -4.43 6.69 13.88
CA THR B 135 -5.13 7.10 12.66
C THR B 135 -5.24 6.00 11.62
N SER B 136 -4.36 5.00 11.69
CA SER B 136 -4.44 3.85 10.78
C SER B 136 -5.12 2.65 11.45
N GLY B 137 -5.68 2.87 12.64
CA GLY B 137 -6.41 1.83 13.34
C GLY B 137 -5.62 0.98 14.33
N ARG B 138 -4.34 1.30 14.50
CA ARG B 138 -3.48 0.54 15.42
C ARG B 138 -3.71 0.97 16.88
N SER B 139 -3.45 0.06 17.80
CA SER B 139 -3.64 0.33 19.23
C SER B 139 -2.44 -0.06 20.09
N ASP B 140 -1.27 -0.19 19.46
CA ASP B 140 -0.05 -0.54 20.19
C ASP B 140 0.92 0.65 20.25
N ASP B 141 0.38 1.85 20.33
CA ASP B 141 1.22 3.06 20.21
C ASP B 141 1.42 3.79 21.54
N ASN B 142 0.95 3.21 22.65
CA ASN B 142 1.28 3.71 23.98
C ASN B 142 2.79 3.70 24.16
N GLU B 143 3.30 4.59 25.01
CA GLU B 143 4.74 4.74 25.19
C GLU B 143 5.41 3.45 25.65
N GLU B 144 4.79 2.76 26.60
CA GLU B 144 5.38 1.53 27.14
C GLU B 144 5.30 0.39 26.14
N THR B 145 4.31 0.44 25.24
CA THR B 145 4.19 -0.60 24.22
C THR B 145 5.25 -0.41 23.13
N ILE B 146 5.46 0.84 22.73
CA ILE B 146 6.51 1.15 21.78
C ILE B 146 7.88 0.73 22.34
N LYS B 147 8.09 0.96 23.64
CA LYS B 147 9.36 0.60 24.26
C LYS B 147 9.56 -0.92 24.22
N LYS B 148 8.50 -1.67 24.49
CA LYS B 148 8.55 -3.13 24.40
C LYS B 148 8.84 -3.61 22.98
N ARG B 149 8.16 -3.03 22.01
CA ARG B 149 8.36 -3.40 20.60
C ARG B 149 9.81 -3.14 20.18
N LEU B 150 10.34 -1.99 20.60
CA LEU B 150 11.74 -1.66 20.34
C LEU B 150 12.70 -2.60 21.05
N ASP B 151 12.42 -2.91 22.31
CA ASP B 151 13.28 -3.79 23.07
C ASP B 151 13.39 -5.17 22.40
N LEU B 152 12.26 -5.72 21.98
CA LEU B 152 12.26 -7.02 21.32
C LEU B 152 12.96 -6.94 19.98
N TYR B 153 12.80 -5.83 19.26
CA TYR B 153 13.46 -5.65 17.98
C TYR B 153 14.97 -5.73 18.13
N TYR B 154 15.54 -4.97 19.05
CA TYR B 154 16.99 -4.96 19.17
C TYR B 154 17.54 -6.27 19.74
N LYS B 155 16.77 -6.92 20.60
CA LYS B 155 17.23 -8.16 21.20
C LYS B 155 17.06 -9.38 20.29
N ALA B 156 15.89 -9.52 19.68
CA ALA B 156 15.57 -10.75 18.94
C ALA B 156 15.73 -10.62 17.44
N THR B 157 15.42 -9.45 16.90
CA THR B 157 15.35 -9.28 15.45
C THR B 157 16.67 -8.84 14.82
N GLU B 158 17.44 -8.00 15.49
CA GLU B 158 18.72 -7.62 14.90
C GLU B 158 19.64 -8.81 14.61
N PRO B 159 19.65 -9.85 15.49
CA PRO B 159 20.41 -11.05 15.10
C PRO B 159 19.96 -11.70 13.77
N VAL B 160 18.72 -11.51 13.37
CA VAL B 160 18.25 -11.96 12.06
C VAL B 160 19.02 -11.31 10.92
N ILE B 161 19.25 -10.00 11.06
CA ILE B 161 20.07 -9.29 10.09
C ILE B 161 21.47 -9.90 10.01
N ALA B 162 22.05 -10.20 11.17
CA ALA B 162 23.40 -10.77 11.20
C ALA B 162 23.43 -12.13 10.49
N PHE B 163 22.42 -12.95 10.80
CA PHE B 163 22.27 -14.27 10.19
C PHE B 163 22.27 -14.17 8.66
N TYR B 164 21.43 -13.31 8.11
CA TYR B 164 21.38 -13.21 6.67
C TYR B 164 22.54 -12.39 6.09
N GLU B 165 23.25 -11.63 6.91
CA GLU B 165 24.50 -11.03 6.43
C GLU B 165 25.52 -12.15 6.19
N GLY B 166 25.54 -13.15 7.06
CA GLY B 166 26.43 -14.29 6.88
C GLY B 166 26.02 -15.15 5.69
N ARG B 167 24.73 -15.18 5.42
CA ARG B 167 24.19 -15.91 4.27
C ARG B 167 24.61 -15.16 2.99
N GLY B 168 24.69 -13.84 3.09
CA GLY B 168 25.19 -13.01 2.00
C GLY B 168 24.11 -12.34 1.16
N ILE B 169 22.93 -12.13 1.73
CA ILE B 169 21.79 -11.62 0.96
C ILE B 169 21.18 -10.33 1.51
N VAL B 170 21.85 -9.67 2.45
CA VAL B 170 21.27 -8.47 3.02
C VAL B 170 21.66 -7.22 2.23
N LYS B 171 20.65 -6.40 1.94
CA LYS B 171 20.85 -5.07 1.38
C LYS B 171 20.23 -4.08 2.35
N LYS B 172 21.05 -3.19 2.88
CA LYS B 172 20.55 -2.19 3.83
C LYS B 172 19.99 -0.99 3.07
N VAL B 173 18.78 -0.58 3.41
CA VAL B 173 18.25 0.66 2.85
C VAL B 173 18.09 1.70 3.97
N ASP B 174 18.41 2.94 3.65
CA ASP B 174 18.46 4.01 4.64
C ASP B 174 17.08 4.67 4.77
N SER B 175 16.31 4.23 5.75
CA SER B 175 14.93 4.68 5.88
C SER B 175 14.81 6.03 6.61
N GLU B 176 15.94 6.72 6.76
CA GLU B 176 15.94 8.10 7.29
C GLU B 176 15.73 9.14 6.17
N LEU B 177 15.81 8.70 4.92
CA LEU B 177 15.62 9.57 3.77
C LEU B 177 14.13 9.74 3.43
N ALA B 178 13.84 10.59 2.46
CA ALA B 178 12.48 10.76 1.94
C ALA B 178 12.00 9.45 1.32
N VAL B 179 10.69 9.18 1.37
CA VAL B 179 10.17 7.85 1.01
C VAL B 179 10.62 7.38 -0.38
N ASP B 180 10.71 8.29 -1.33
CA ASP B 180 11.07 7.91 -2.69
C ASP B 180 12.58 7.69 -2.86
N ASP B 181 13.37 8.36 -2.02
CA ASP B 181 14.82 8.15 -2.02
C ASP B 181 15.19 6.81 -1.40
N VAL B 182 14.46 6.45 -0.35
CA VAL B 182 14.60 5.13 0.24
C VAL B 182 14.30 4.09 -0.81
N PHE B 183 13.23 4.32 -1.57
CA PHE B 183 12.80 3.35 -2.55
C PHE B 183 13.79 3.24 -3.70
N GLY B 184 14.53 4.31 -3.96
CA GLY B 184 15.62 4.25 -4.92
C GLY B 184 16.63 3.17 -4.56
N GLN B 185 16.93 3.06 -3.27
CA GLN B 185 17.88 2.05 -2.79
C GLN B 185 17.24 0.66 -2.82
N VAL B 186 15.96 0.60 -2.48
CA VAL B 186 15.18 -0.63 -2.56
C VAL B 186 15.25 -1.16 -4.00
N SER B 187 14.96 -0.29 -4.96
CA SER B 187 14.99 -0.65 -6.38
C SER B 187 16.35 -1.19 -6.82
N LYS B 188 17.42 -0.51 -6.44
CA LYS B 188 18.76 -0.95 -6.79
C LYS B 188 19.00 -2.39 -6.34
N ALA B 189 18.51 -2.73 -5.15
CA ALA B 189 18.71 -4.08 -4.63
C ALA B 189 17.87 -5.09 -5.42
N ILE B 190 16.62 -4.76 -5.66
CA ILE B 190 15.72 -5.68 -6.35
C ILE B 190 16.11 -5.86 -7.82
N ASP B 191 16.49 -4.77 -8.48
CA ASP B 191 16.98 -4.82 -9.86
C ASP B 191 18.16 -5.77 -10.04
N ALA B 192 18.93 -5.98 -8.97
CA ALA B 192 20.14 -6.80 -9.05
C ALA B 192 19.84 -8.30 -8.99
N LEU B 193 18.60 -8.67 -8.69
CA LEU B 193 18.24 -10.08 -8.57
C LEU B 193 18.21 -10.76 -9.93
PA AP5 C . -6.48 2.60 -11.06
O1A AP5 C . -5.43 1.61 -10.55
O2A AP5 C . -7.28 3.14 -9.89
O3A AP5 C . -6.03 3.85 -11.88
PB AP5 C . -4.78 4.05 -12.81
O1B AP5 C . -4.90 5.46 -13.34
O2B AP5 C . -4.74 3.05 -13.95
O3B AP5 C . -3.54 3.92 -11.82
PG AP5 C . -2.03 3.92 -12.21
O1G AP5 C . -1.32 3.19 -11.09
O2G AP5 C . -1.83 3.29 -13.55
O3G AP5 C . -1.55 5.42 -12.33
PD AP5 C . -1.12 6.48 -11.28
O1D AP5 C . -1.75 7.77 -11.75
O2D AP5 C . -1.49 6.16 -9.85
O3D AP5 C . 0.43 6.65 -11.48
PE AP5 C . 1.65 6.24 -10.54
O1E AP5 C . 1.74 7.17 -9.36
O2E AP5 C . 1.55 4.80 -10.18
O5F AP5 C . -7.48 1.83 -12.07
C5F AP5 C . -7.11 0.52 -12.55
C4F AP5 C . -8.45 -0.01 -13.12
O4F AP5 C . -9.30 -0.22 -12.12
C3F AP5 C . -9.11 1.05 -13.98
O3F AP5 C . -8.61 1.08 -15.27
C2F AP5 C . -10.55 0.48 -13.93
O2F AP5 C . -10.58 -0.75 -14.77
C1F AP5 C . -10.73 0.18 -12.65
N9A AP5 C . -11.15 1.32 -11.89
C8A AP5 C . -10.34 2.01 -11.05
N7A AP5 C . -11.03 3.04 -10.52
C5A AP5 C . -12.28 2.96 -11.02
C6A AP5 C . -13.41 3.74 -10.83
N6A AP5 C . -13.61 4.92 -10.01
N1A AP5 C . -14.54 3.42 -11.47
C2A AP5 C . -14.60 2.35 -12.31
N3A AP5 C . -13.49 1.58 -12.51
C4A AP5 C . -12.35 1.90 -11.86
O5J AP5 C . 2.90 6.49 -11.47
C5J AP5 C . 2.99 5.81 -12.71
C4J AP5 C . 4.49 5.72 -13.11
O4J AP5 C . 4.98 6.92 -13.34
C3J AP5 C . 5.33 5.15 -11.96
O3J AP5 C . 6.34 4.40 -12.47
C2J AP5 C . 5.90 6.42 -11.28
O2J AP5 C . 7.15 6.04 -10.52
C1J AP5 C . 6.12 7.24 -12.25
N9B AP5 C . 5.93 8.62 -11.91
C8B AP5 C . 4.90 9.20 -11.23
N7B AP5 C . 5.14 10.53 -11.17
C5B AP5 C . 6.31 10.78 -11.82
C6B AP5 C . 6.99 11.95 -12.03
N6B AP5 C . 6.65 13.23 -11.64
N1B AP5 C . 8.15 11.93 -12.72
C2B AP5 C . 8.65 10.74 -13.20
N3B AP5 C . 7.97 9.56 -12.98
C4B AP5 C . 6.80 9.59 -12.28
MG MG D . -2.42 4.30 -8.95
PA AP5 E . 3.81 -5.53 12.32
O1A AP5 E . 4.11 -6.68 11.37
O2A AP5 E . 2.52 -4.84 11.99
O3A AP5 E . 5.10 -4.64 12.32
PB AP5 E . 5.29 -3.16 12.82
O1B AP5 E . 6.78 -2.96 12.74
O2B AP5 E . 4.72 -2.98 14.22
O3B AP5 E . 4.47 -2.33 11.75
PG AP5 E . 4.46 -0.77 11.61
O1G AP5 E . 4.36 -0.16 12.99
O2G AP5 E . 3.26 -0.43 10.74
O3G AP5 E . 5.84 -0.35 10.99
PD AP5 E . 6.34 -0.18 9.51
O1D AP5 E . 7.80 -0.49 9.53
O2D AP5 E . 5.59 -0.98 8.48
O3D AP5 E . 6.25 1.38 9.19
PE AP5 E . 5.28 2.13 8.18
O1E AP5 E . 3.82 1.87 8.45
O2E AP5 E . 5.70 1.88 6.78
O5F AP5 E . 3.78 -6.15 13.83
C5F AP5 E . 2.72 -5.76 14.72
C4F AP5 E . 2.68 -6.80 15.86
O4F AP5 E . 2.30 -7.97 15.37
C3F AP5 E . 4.07 -7.07 16.42
O3F AP5 E . 4.43 -6.17 17.38
C2F AP5 E . 3.85 -8.48 16.99
O2F AP5 E . 3.00 -8.32 18.20
C1F AP5 E . 3.18 -9.11 16.05
N9A AP5 E . 4.05 -9.71 15.08
C8A AP5 E . 4.18 -9.21 13.82
N7A AP5 E . 5.04 -9.99 13.15
C5A AP5 E . 5.44 -10.97 13.99
C6A AP5 E . 6.32 -12.03 13.83
N6A AP5 E . 7.10 -12.43 12.68
N1A AP5 E . 6.53 -12.90 14.85
C2A AP5 E . 5.91 -12.72 16.04
N3A AP5 E . 5.04 -11.68 16.19
C4A AP5 E . 4.82 -10.81 15.17
O5J AP5 E . 5.61 3.65 8.50
C5J AP5 E . 5.37 4.15 9.82
C4J AP5 E . 5.11 5.71 9.75
O4J AP5 E . 6.17 6.32 9.31
C3J AP5 E . 3.99 6.01 8.75
O3J AP5 E . 3.19 7.04 9.16
C2J AP5 E . 4.77 6.37 7.46
O2J AP5 E . 3.90 7.21 6.58
C1J AP5 E . 5.81 7.00 7.89
N9B AP5 E . 7.00 6.78 7.11
C8B AP5 E . 7.52 5.61 6.62
N7B AP5 E . 8.69 5.90 5.97
C5B AP5 E . 8.90 7.25 6.08
C6B AP5 E . 9.92 8.04 5.59
N6B AP5 E . 11.04 7.70 4.86
N1B AP5 E . 9.90 9.36 5.83
C2B AP5 E . 8.85 9.92 6.53
N3B AP5 E . 7.84 9.12 7.01
C4B AP5 E . 7.87 7.79 6.77
MG MG F . 3.66 -2.21 8.59
#